data_6K84
#
_entry.id   6K84
#
_entity_poly.entity_id   1
_entity_poly.type   'polyribonucleotide'
_entity_poly.pdbx_seq_one_letter_code
;GGAGGAGGAGGAAGGAGGAGGAGGA
;
_entity_poly.pdbx_strand_id   A
#